data_5HJ9
#
_entry.id   5HJ9
#
_cell.length_a   89.092
_cell.length_b   89.092
_cell.length_c   113.600
_cell.angle_alpha   90.00
_cell.angle_beta   90.00
_cell.angle_gamma   120.00
#
_symmetry.space_group_name_H-M   'H 3'
#
loop_
_entity.id
_entity.type
_entity.pdbx_description
1 polymer Arginase
2 non-polymer 'MANGANESE (II) ION'
3 non-polymer [(5R)-5-amino-5-carboxy-7-(piperidin-1-yl)heptyl](trihydroxy)borate(1-)
4 non-polymer GLYCEROL
5 non-polymer 'SULFATE ION'
6 non-polymer 1,2-ETHANEDIOL
7 non-polymer 'TRIETHYLENE GLYCOL'
8 water water
#
_entity_poly.entity_id   1
_entity_poly.type   'polypeptide(L)'
_entity_poly.pdbx_seq_one_letter_code
;MRGSHHHHHHGMAKKMSIVLAPFSGGQPHSGVELGPDYLLKQGLQQDMEKLGWDTRLERVFDGKVVEARKASDNGDRIGR
VKRPRLTAECTEKIYKCVRRVAEQGRFPLTIGGDHSIALGTVAGVLSVHPDAGVIWVDAHADINTMSGTVSGNLHGCPLS
ILLGLDRENIPECFSWVPQVLKPNKIAYIGLRAVDDEEKKILHDLNIAAFSMHHVDRYGIDKVVSMAIEAVSPKGTEPVM
VSYDVDTIDPLYVPATGTPVRGGLSFREALFLCERIAECGRLVALDVVECNPLLAATESHVNDTISVGCAIARCMMGETL
LYTPHTSSKL
;
_entity_poly.pdbx_strand_id   A
#
loop_
_chem_comp.id
_chem_comp.type
_chem_comp.name
_chem_comp.formula
EDO non-polymer 1,2-ETHANEDIOL 'C2 H6 O2'
GOL non-polymer GLYCEROL 'C3 H8 O3'
MN non-polymer 'MANGANESE (II) ION' 'Mn 2'
PGE non-polymer 'TRIETHYLENE GLYCOL' 'C6 H14 O4'
SO4 non-polymer 'SULFATE ION' 'O4 S -2'
X7A non-polymer [(5R)-5-amino-5-carboxy-7-(piperidin-1-yl)heptyl](trihydroxy)borate(1-) 'C13 H28 B N2 O5 -1'
#
# COMPACT_ATOMS: atom_id res chain seq x y z
N LYS A 14 -6.64 20.11 -9.60
CA LYS A 14 -5.53 19.17 -9.45
C LYS A 14 -4.73 19.52 -8.20
N LYS A 15 -5.22 19.03 -7.07
CA LYS A 15 -4.58 19.28 -5.78
C LYS A 15 -4.24 17.96 -5.16
N MET A 16 -3.07 17.91 -4.53
CA MET A 16 -2.52 16.69 -3.97
C MET A 16 -1.94 16.98 -2.61
N SER A 17 -2.12 16.03 -1.68
CA SER A 17 -1.41 16.06 -0.39
C SER A 17 -0.55 14.83 -0.34
N ILE A 18 0.75 15.01 -0.19
CA ILE A 18 1.66 13.89 -0.03
C ILE A 18 1.71 13.59 1.45
N VAL A 19 1.11 12.46 1.83
CA VAL A 19 0.96 12.08 3.22
C VAL A 19 2.18 11.26 3.63
N LEU A 20 2.94 11.77 4.59
CA LEU A 20 4.15 11.09 5.03
C LEU A 20 3.84 10.13 6.17
N ALA A 21 4.05 8.84 5.94
CA ALA A 21 3.75 7.84 6.97
C ALA A 21 4.99 7.01 7.25
N PRO A 22 5.95 7.56 7.99
CA PRO A 22 7.21 6.87 8.24
C PRO A 22 7.08 5.90 9.41
N PHE A 23 6.37 4.81 9.18
CA PHE A 23 6.04 3.86 10.23
C PHE A 23 6.64 2.50 9.88
N SER A 24 7.33 1.86 10.83
CA SER A 24 7.96 0.55 10.62
C SER A 24 7.46 -0.51 11.60
N GLY A 25 6.42 -0.17 12.36
CA GLY A 25 5.93 -1.03 13.41
C GLY A 25 5.09 -2.21 12.96
N GLY A 26 4.91 -2.36 11.64
CA GLY A 26 4.21 -3.52 11.10
C GLY A 26 5.13 -4.67 10.76
N GLN A 27 6.42 -4.47 10.99
CA GLN A 27 7.40 -5.48 10.65
C GLN A 27 8.65 -5.30 11.52
N PRO A 28 9.55 -6.29 11.50
CA PRO A 28 10.70 -6.27 12.40
C PRO A 28 11.82 -5.28 12.03
N HIS A 29 12.04 -5.06 10.74
CA HIS A 29 13.22 -4.35 10.27
C HIS A 29 13.04 -2.83 10.28
N SER A 30 13.93 -2.14 10.97
CA SER A 30 13.96 -0.70 10.90
C SER A 30 14.51 -0.29 9.52
N GLY A 31 14.27 0.96 9.14
CA GLY A 31 14.72 1.48 7.86
C GLY A 31 13.58 1.89 6.96
N VAL A 32 12.51 1.11 6.98
CA VAL A 32 11.36 1.40 6.12
C VAL A 32 10.72 2.75 6.51
N GLU A 33 10.99 3.20 7.73
CA GLU A 33 10.48 4.50 8.18
C GLU A 33 11.20 5.66 7.52
N LEU A 34 12.32 5.40 6.85
CA LEU A 34 13.06 6.42 6.11
C LEU A 34 12.56 6.60 4.67
N GLY A 35 11.70 5.69 4.22
CA GLY A 35 11.17 5.74 2.88
C GLY A 35 10.65 7.11 2.46
N PRO A 36 9.77 7.72 3.28
CA PRO A 36 9.21 9.00 2.88
C PRO A 36 10.28 10.07 2.68
N ASP A 37 11.27 10.11 3.55
CA ASP A 37 12.36 11.07 3.44
C ASP A 37 13.19 10.87 2.20
N TYR A 38 13.57 9.62 1.93
CA TYR A 38 14.34 9.31 0.72
C TYR A 38 13.58 9.60 -0.57
N LEU A 39 12.33 9.20 -0.64
CA LEU A 39 11.54 9.50 -1.82
CA LEU A 39 11.50 9.50 -1.80
C LEU A 39 11.46 11.01 -2.02
N LEU A 40 11.27 11.75 -0.93
CA LEU A 40 11.18 13.20 -1.06
C LEU A 40 12.53 13.79 -1.41
N LYS A 41 13.60 13.17 -0.94
CA LYS A 41 14.95 13.60 -1.28
C LYS A 41 15.25 13.34 -2.75
N GLN A 42 14.60 12.35 -3.35
CA GLN A 42 14.82 12.05 -4.76
C GLN A 42 13.94 12.86 -5.68
N GLY A 43 13.14 13.74 -5.09
CA GLY A 43 12.43 14.77 -5.85
C GLY A 43 10.95 14.50 -6.08
N LEU A 44 10.35 13.65 -5.25
CA LEU A 44 8.95 13.26 -5.42
C LEU A 44 8.03 14.48 -5.55
N GLN A 45 8.16 15.46 -4.67
CA GLN A 45 7.25 16.61 -4.69
C GLN A 45 7.41 17.45 -5.95
N GLN A 46 8.66 17.74 -6.35
CA GLN A 46 8.90 18.47 -7.59
C GLN A 46 8.44 17.68 -8.82
N ASP A 47 8.59 16.36 -8.77
CA ASP A 47 8.08 15.52 -9.84
C ASP A 47 6.56 15.70 -9.99
N MET A 48 5.85 15.78 -8.87
CA MET A 48 4.39 15.88 -8.89
C MET A 48 3.99 17.26 -9.31
N GLU A 49 4.76 18.25 -8.87
CA GLU A 49 4.49 19.64 -9.26
C GLU A 49 4.68 19.74 -10.78
N LYS A 50 5.73 19.10 -11.29
CA LYS A 50 6.07 19.15 -12.70
C LYS A 50 5.00 18.48 -13.54
N LEU A 51 4.20 17.63 -12.93
CA LEU A 51 3.08 16.99 -13.62
C LEU A 51 1.76 17.80 -13.49
N GLY A 52 1.83 18.99 -12.89
CA GLY A 52 0.70 19.89 -12.84
C GLY A 52 -0.04 19.91 -11.53
N TRP A 53 0.40 19.12 -10.54
CA TRP A 53 -0.29 19.04 -9.26
C TRP A 53 0.15 20.12 -8.30
N ASP A 54 -0.83 20.80 -7.71
CA ASP A 54 -0.54 21.68 -6.59
C ASP A 54 -0.45 20.81 -5.35
N THR A 55 0.75 20.66 -4.80
CA THR A 55 0.98 19.66 -3.77
C THR A 55 1.25 20.29 -2.43
N ARG A 56 1.13 19.50 -1.38
CA ARG A 56 1.67 19.89 -0.10
C ARG A 56 1.91 18.66 0.75
N LEU A 57 2.85 18.77 1.68
CA LEU A 57 3.20 17.65 2.54
C LEU A 57 2.30 17.61 3.74
N GLU A 58 1.76 16.44 4.05
CA GLU A 58 1.07 16.22 5.30
C GLU A 58 1.93 15.35 6.19
N ARG A 59 2.40 15.90 7.30
CA ARG A 59 3.13 15.14 8.28
C ARG A 59 2.14 14.63 9.33
N VAL A 60 2.16 13.31 9.58
CA VAL A 60 1.18 12.70 10.47
C VAL A 60 1.78 12.44 11.86
N PHE A 61 3.04 12.06 11.90
CA PHE A 61 3.73 11.82 13.18
C PHE A 61 5.24 11.76 12.94
N ASP A 62 6.01 11.98 13.99
CA ASP A 62 7.46 11.95 13.85
C ASP A 62 7.94 10.51 13.75
N GLY A 63 8.56 10.16 12.64
CA GLY A 63 9.05 8.80 12.45
C GLY A 63 10.11 8.37 13.44
N LYS A 64 10.87 9.32 13.98
CA LYS A 64 11.98 8.98 14.87
C LYS A 64 11.47 8.72 16.30
N VAL A 65 10.48 9.50 16.73
CA VAL A 65 9.82 9.28 18.02
C VAL A 65 9.12 7.93 17.99
N VAL A 66 8.40 7.70 16.91
CA VAL A 66 7.72 6.44 16.71
C VAL A 66 8.75 5.32 16.66
N GLU A 67 9.82 5.49 15.90
CA GLU A 67 10.79 4.43 15.73
C GLU A 67 11.41 4.11 17.07
N ALA A 68 11.60 5.15 17.88
CA ALA A 68 12.20 5.01 19.20
C ALA A 68 11.31 4.16 20.07
N ARG A 69 10.03 4.51 20.10
CA ARG A 69 9.05 3.74 20.85
CA ARG A 69 9.04 3.75 20.85
C ARG A 69 8.86 2.35 20.25
N LYS A 70 9.03 2.24 18.94
CA LYS A 70 8.87 0.95 18.27
C LYS A 70 9.95 0.01 18.73
N ALA A 71 11.19 0.48 18.67
CA ALA A 71 12.30 -0.41 18.94
C ALA A 71 12.43 -0.71 20.42
N SER A 72 11.90 0.15 21.29
CA SER A 72 12.06 -0.08 22.71
C SER A 72 11.04 -1.08 23.29
N ASP A 73 9.76 -0.92 22.93
CA ASP A 73 8.63 -1.55 23.65
C ASP A 73 8.27 -2.98 23.19
N ASN A 74 9.02 -3.98 23.61
CA ASN A 74 8.71 -5.36 23.20
C ASN A 74 7.45 -5.93 23.87
N GLY A 75 6.94 -5.27 24.90
CA GLY A 75 5.74 -5.73 25.60
C GLY A 75 4.42 -5.47 24.87
N ASP A 76 4.46 -4.65 23.82
CA ASP A 76 3.31 -4.42 22.96
C ASP A 76 3.13 -5.63 22.05
N ARG A 77 2.43 -6.65 22.58
CA ARG A 77 2.17 -7.93 21.91
C ARG A 77 0.81 -8.38 22.39
N ILE A 78 -0.02 -8.88 21.49
CA ILE A 78 -1.29 -9.46 21.92
C ILE A 78 -1.38 -10.81 21.25
N GLY A 79 -0.80 -11.80 21.89
CA GLY A 79 -0.68 -13.12 21.29
C GLY A 79 0.57 -13.19 20.45
N ARG A 80 0.47 -13.82 19.28
CA ARG A 80 1.58 -13.82 18.33
C ARG A 80 1.74 -12.46 17.67
N VAL A 81 0.70 -11.62 17.75
CA VAL A 81 0.68 -10.28 17.14
C VAL A 81 1.61 -9.30 17.84
N LYS A 82 2.49 -8.69 17.07
CA LYS A 82 3.48 -7.75 17.59
CA LYS A 82 3.48 -7.75 17.59
C LYS A 82 3.04 -6.31 17.36
N ARG A 83 3.21 -5.48 18.40
CA ARG A 83 2.90 -4.05 18.35
C ARG A 83 1.50 -3.65 17.86
N PRO A 84 0.45 -4.33 18.36
CA PRO A 84 -0.89 -3.90 17.93
C PRO A 84 -1.25 -2.52 18.45
N ARG A 85 -0.83 -2.18 19.67
CA ARG A 85 -1.16 -0.88 20.25
C ARG A 85 -0.53 0.25 19.44
N LEU A 86 0.77 0.15 19.21
CA LEU A 86 1.49 1.16 18.45
C LEU A 86 0.95 1.25 17.02
N THR A 87 0.66 0.10 16.40
CA THR A 87 0.13 0.08 15.04
C THR A 87 -1.24 0.74 15.00
N ALA A 88 -2.10 0.36 15.94
CA ALA A 88 -3.44 0.91 15.99
C ALA A 88 -3.40 2.42 16.21
N GLU A 89 -2.49 2.91 17.04
CA GLU A 89 -2.39 4.36 17.29
C GLU A 89 -1.98 5.11 16.02
N CYS A 90 -0.90 4.67 15.40
CA CYS A 90 -0.34 5.36 14.23
C CYS A 90 -1.25 5.27 12.99
N THR A 91 -1.86 4.11 12.74
CA THR A 91 -2.73 3.98 11.57
C THR A 91 -4.07 4.72 11.77
N GLU A 92 -4.48 4.99 13.01
CA GLU A 92 -5.64 5.84 13.24
C GLU A 92 -5.33 7.29 12.86
N LYS A 93 -4.11 7.73 13.17
CA LYS A 93 -3.67 9.07 12.78
C LYS A 93 -3.63 9.20 11.24
N ILE A 94 -3.12 8.18 10.57
CA ILE A 94 -3.12 8.15 9.10
C ILE A 94 -4.55 8.20 8.52
N TYR A 95 -5.44 7.40 9.10
CA TYR A 95 -6.83 7.38 8.70
C TYR A 95 -7.43 8.78 8.79
N LYS A 96 -7.26 9.42 9.94
CA LYS A 96 -7.80 10.77 10.14
C LYS A 96 -7.20 11.76 9.16
N CYS A 97 -5.90 11.65 8.93
CA CYS A 97 -5.25 12.51 7.97
C CYS A 97 -5.78 12.27 6.54
N VAL A 98 -5.82 11.02 6.09
CA VAL A 98 -6.23 10.71 4.72
C VAL A 98 -7.69 11.07 4.47
N ARG A 99 -8.53 10.84 5.48
CA ARG A 99 -9.95 11.16 5.39
C ARG A 99 -10.15 12.66 5.14
N ARG A 100 -9.41 13.47 5.89
CA ARG A 100 -9.49 14.92 5.77
C ARG A 100 -9.03 15.41 4.39
N VAL A 101 -7.87 14.92 3.94
CA VAL A 101 -7.31 15.26 2.63
C VAL A 101 -8.33 14.99 1.54
N ALA A 102 -9.00 13.86 1.63
CA ALA A 102 -9.95 13.45 0.60
C ALA A 102 -11.25 14.24 0.65
N GLU A 103 -11.75 14.49 1.85
CA GLU A 103 -12.90 15.34 2.03
C GLU A 103 -12.64 16.74 1.50
N GLN A 104 -11.43 17.23 1.72
CA GLN A 104 -10.98 18.50 1.15
C GLN A 104 -10.89 18.46 -0.38
N GLY A 105 -11.14 17.32 -0.99
CA GLY A 105 -11.03 17.20 -2.43
C GLY A 105 -9.62 17.18 -3.00
N ARG A 106 -8.62 16.81 -2.18
CA ARG A 106 -7.25 16.64 -2.63
C ARG A 106 -6.96 15.16 -2.85
N PHE A 107 -6.05 14.87 -3.77
CA PHE A 107 -5.55 13.50 -3.97
C PHE A 107 -4.58 13.13 -2.84
N PRO A 108 -4.88 12.06 -2.07
CA PRO A 108 -3.88 11.64 -1.09
C PRO A 108 -2.87 10.67 -1.69
N LEU A 109 -1.61 11.08 -1.78
CA LEU A 109 -0.55 10.19 -2.18
CA LEU A 109 -0.54 10.20 -2.19
C LEU A 109 0.26 9.86 -0.94
N THR A 110 0.08 8.65 -0.42
CA THR A 110 0.68 8.25 0.85
C THR A 110 1.96 7.46 0.64
N ILE A 111 3.04 7.90 1.26
CA ILE A 111 4.35 7.27 1.15
CA ILE A 111 4.33 7.20 1.13
C ILE A 111 4.73 6.60 2.47
N GLY A 112 5.03 5.30 2.43
CA GLY A 112 5.38 4.53 3.61
C GLY A 112 6.87 4.34 3.69
N GLY A 113 7.36 3.70 4.75
CA GLY A 113 6.54 3.03 5.75
C GLY A 113 6.09 1.66 5.27
N ASP A 114 5.83 0.75 6.19
CA ASP A 114 5.41 -0.60 5.81
C ASP A 114 3.93 -0.61 5.48
N HIS A 115 3.45 -1.76 5.00
CA HIS A 115 2.10 -1.84 4.45
C HIS A 115 0.99 -1.80 5.49
N SER A 116 1.34 -1.89 6.77
CA SER A 116 0.35 -1.70 7.81
C SER A 116 -0.29 -0.29 7.74
N ILE A 117 0.40 0.66 7.13
CA ILE A 117 -0.18 1.99 6.97
C ILE A 117 -1.45 1.97 6.11
N ALA A 118 -1.64 0.94 5.27
CA ALA A 118 -2.80 0.89 4.39
C ALA A 118 -4.11 0.69 5.18
N LEU A 119 -3.98 0.30 6.43
CA LEU A 119 -5.15 0.21 7.30
CA LEU A 119 -5.15 0.22 7.31
C LEU A 119 -5.78 1.59 7.45
N GLY A 120 -4.94 2.61 7.59
CA GLY A 120 -5.39 3.99 7.65
C GLY A 120 -5.72 4.59 6.29
N THR A 121 -4.94 4.28 5.25
CA THR A 121 -5.21 4.89 3.93
C THR A 121 -6.48 4.38 3.28
N VAL A 122 -6.68 3.06 3.25
CA VAL A 122 -7.89 2.52 2.65
C VAL A 122 -9.14 2.96 3.43
N ALA A 123 -9.09 2.92 4.76
CA ALA A 123 -10.23 3.33 5.58
C ALA A 123 -10.57 4.79 5.32
N GLY A 124 -9.53 5.61 5.20
CA GLY A 124 -9.68 7.04 4.95
C GLY A 124 -10.34 7.32 3.61
N VAL A 125 -9.85 6.68 2.56
CA VAL A 125 -10.37 6.91 1.20
C VAL A 125 -11.80 6.42 1.07
N LEU A 126 -12.09 5.22 1.56
CA LEU A 126 -13.42 4.62 1.39
C LEU A 126 -14.45 5.27 2.29
N SER A 127 -14.00 6.01 3.30
CA SER A 127 -14.94 6.72 4.16
CA SER A 127 -14.94 6.71 4.15
C SER A 127 -15.48 7.92 3.40
N VAL A 128 -14.68 8.45 2.47
CA VAL A 128 -15.09 9.57 1.63
C VAL A 128 -15.64 9.11 0.28
N HIS A 129 -15.11 8.00 -0.25
CA HIS A 129 -15.56 7.43 -1.51
C HIS A 129 -15.95 5.99 -1.28
N PRO A 130 -17.19 5.75 -0.84
CA PRO A 130 -17.64 4.44 -0.39
C PRO A 130 -17.64 3.31 -1.42
N ASP A 131 -17.75 3.62 -2.71
CA ASP A 131 -17.73 2.56 -3.72
C ASP A 131 -16.40 2.54 -4.45
N ALA A 132 -15.38 3.13 -3.86
CA ALA A 132 -14.02 3.05 -4.37
C ALA A 132 -13.56 1.59 -4.41
N GLY A 133 -12.92 1.19 -5.50
CA GLY A 133 -12.28 -0.12 -5.58
C GLY A 133 -10.85 0.01 -5.11
N VAL A 134 -10.29 -1.09 -4.62
CA VAL A 134 -8.91 -1.15 -4.14
C VAL A 134 -8.14 -2.18 -4.94
N ILE A 135 -7.11 -1.71 -5.63
CA ILE A 135 -6.20 -2.64 -6.30
C ILE A 135 -4.94 -2.74 -5.45
N TRP A 136 -4.63 -3.95 -5.01
CA TRP A 136 -3.55 -4.19 -4.08
C TRP A 136 -2.40 -4.83 -4.84
N VAL A 137 -1.34 -4.07 -5.11
CA VAL A 137 -0.22 -4.56 -5.91
C VAL A 137 0.89 -5.04 -4.96
N ASP A 138 1.13 -6.34 -4.95
CA ASP A 138 1.89 -6.98 -3.90
C ASP A 138 2.25 -8.43 -4.26
N ALA A 139 3.41 -8.88 -3.81
CA ALA A 139 3.74 -10.28 -3.86
C ALA A 139 2.92 -11.08 -2.85
N HIS A 140 2.39 -10.39 -1.83
CA HIS A 140 1.71 -11.04 -0.71
C HIS A 140 0.26 -10.60 -0.63
N ALA A 141 -0.57 -11.43 0.03
CA ALA A 141 -1.99 -11.14 0.13
C ALA A 141 -2.32 -10.22 1.32
N ASP A 142 -1.39 -10.15 2.29
CA ASP A 142 -1.50 -9.22 3.42
C ASP A 142 -2.84 -9.37 4.14
N ILE A 143 -3.34 -10.60 4.23
CA ILE A 143 -4.70 -10.82 4.70
C ILE A 143 -4.74 -11.83 5.84
N ASN A 144 -3.59 -12.14 6.43
CA ASN A 144 -3.56 -13.01 7.60
C ASN A 144 -4.43 -12.42 8.73
N THR A 145 -5.12 -13.26 9.49
CA THR A 145 -5.93 -12.77 10.59
C THR A 145 -5.09 -12.71 11.88
N MET A 146 -5.66 -12.07 12.90
CA MET A 146 -5.02 -11.98 14.21
C MET A 146 -4.65 -13.36 14.80
N SER A 147 -5.56 -14.32 14.74
CA SER A 147 -5.30 -15.62 15.33
C SER A 147 -4.60 -16.53 14.37
N GLY A 148 -4.62 -16.16 13.09
CA GLY A 148 -4.01 -16.96 12.05
C GLY A 148 -2.58 -16.59 11.68
N THR A 149 -2.17 -15.36 11.97
CA THR A 149 -0.81 -14.93 11.63
C THR A 149 0.23 -15.80 12.34
N VAL A 150 1.29 -16.13 11.63
CA VAL A 150 2.36 -16.95 12.21
C VAL A 150 3.51 -16.05 12.66
N SER A 151 3.88 -15.11 11.79
CA SER A 151 4.94 -14.17 12.13
C SER A 151 4.44 -13.13 13.13
N GLY A 152 3.15 -12.83 13.10
CA GLY A 152 2.59 -11.79 13.95
C GLY A 152 2.93 -10.39 13.48
N ASN A 153 3.52 -10.26 12.29
CA ASN A 153 3.88 -8.95 11.74
C ASN A 153 2.69 -8.33 11.07
N LEU A 154 2.25 -7.18 11.58
CA LEU A 154 0.97 -6.61 11.17
C LEU A 154 0.94 -6.04 9.75
N HIS A 155 2.10 -5.85 9.13
CA HIS A 155 2.12 -5.47 7.71
C HIS A 155 1.58 -6.60 6.79
N GLY A 156 1.49 -7.83 7.30
CA GLY A 156 0.89 -8.94 6.55
C GLY A 156 -0.55 -9.23 6.93
N CYS A 157 -1.17 -8.28 7.63
CA CYS A 157 -2.53 -8.41 8.14
C CYS A 157 -3.54 -7.27 7.84
N PRO A 158 -3.12 -6.14 7.18
CA PRO A 158 -4.08 -5.01 7.14
C PRO A 158 -5.44 -5.34 6.51
N LEU A 159 -5.46 -6.19 5.48
CA LEU A 159 -6.71 -6.48 4.79
C LEU A 159 -7.68 -7.34 5.60
N SER A 160 -7.18 -8.16 6.51
CA SER A 160 -8.08 -8.91 7.39
C SER A 160 -8.80 -7.92 8.32
N ILE A 161 -8.10 -6.93 8.85
CA ILE A 161 -8.72 -5.93 9.73
C ILE A 161 -9.69 -5.07 8.95
N LEU A 162 -9.30 -4.65 7.75
CA LEU A 162 -10.18 -3.83 6.90
C LEU A 162 -11.46 -4.55 6.49
N LEU A 163 -11.37 -5.85 6.24
CA LEU A 163 -12.53 -6.64 5.86
C LEU A 163 -13.31 -7.18 7.08
N GLY A 164 -12.76 -7.00 8.27
CA GLY A 164 -13.42 -7.41 9.50
C GLY A 164 -13.39 -8.92 9.75
N LEU A 165 -12.34 -9.58 9.28
CA LEU A 165 -12.20 -11.03 9.45
C LEU A 165 -11.73 -11.32 10.84
N ASP A 166 -12.18 -12.47 11.37
CA ASP A 166 -11.75 -12.96 12.67
C ASP A 166 -12.07 -11.90 13.70
N ARG A 167 -13.25 -11.30 13.58
CA ARG A 167 -13.63 -10.16 14.44
CA ARG A 167 -13.65 -10.18 14.44
C ARG A 167 -13.35 -10.48 15.91
N GLU A 168 -13.66 -11.70 16.32
CA GLU A 168 -13.52 -12.10 17.71
C GLU A 168 -12.15 -11.81 18.28
N ASN A 169 -11.11 -11.84 17.45
CA ASN A 169 -9.75 -11.74 17.97
C ASN A 169 -8.99 -10.48 17.57
N ILE A 170 -9.74 -9.49 17.06
CA ILE A 170 -9.15 -8.19 16.79
C ILE A 170 -9.24 -7.36 18.07
N PRO A 171 -8.11 -6.86 18.56
CA PRO A 171 -8.11 -6.19 19.86
C PRO A 171 -8.92 -4.90 19.89
N GLU A 172 -9.18 -4.39 21.08
CA GLU A 172 -10.01 -3.23 21.21
C GLU A 172 -9.30 -2.03 20.64
N CYS A 173 -7.96 -2.06 20.60
CA CYS A 173 -7.22 -0.92 20.11
C CYS A 173 -7.53 -0.65 18.61
N PHE A 174 -8.03 -1.66 17.90
CA PHE A 174 -8.41 -1.47 16.49
C PHE A 174 -9.91 -1.13 16.34
N SER A 175 -10.51 -0.65 17.42
CA SER A 175 -11.94 -0.37 17.45
C SER A 175 -12.33 0.77 16.52
N TRP A 176 -11.37 1.65 16.23
CA TRP A 176 -11.61 2.82 15.38
C TRP A 176 -11.86 2.52 13.90
N VAL A 177 -11.48 1.35 13.41
CA VAL A 177 -11.51 1.06 11.98
C VAL A 177 -12.95 0.94 11.42
N PRO A 178 -13.37 1.86 10.51
CA PRO A 178 -14.71 1.74 9.89
C PRO A 178 -14.81 0.50 9.01
N GLN A 179 -15.99 -0.13 8.94
CA GLN A 179 -16.16 -1.31 8.11
C GLN A 179 -16.73 -0.93 6.76
N VAL A 180 -15.83 -0.48 5.90
CA VAL A 180 -16.19 0.12 4.62
C VAL A 180 -15.72 -0.71 3.41
N LEU A 181 -14.73 -1.59 3.57
CA LEU A 181 -14.25 -2.39 2.45
C LEU A 181 -14.96 -3.71 2.41
N LYS A 182 -15.48 -4.07 1.24
CA LYS A 182 -16.11 -5.37 1.02
C LYS A 182 -15.18 -6.21 0.15
N PRO A 183 -15.25 -7.55 0.29
CA PRO A 183 -14.40 -8.46 -0.49
C PRO A 183 -14.47 -8.35 -2.01
N ASN A 184 -15.58 -7.85 -2.57
CA ASN A 184 -15.70 -7.67 -4.02
C ASN A 184 -15.21 -6.28 -4.52
N LYS A 185 -14.55 -5.54 -3.64
CA LYS A 185 -13.96 -4.25 -3.99
C LYS A 185 -12.42 -4.27 -3.85
N ILE A 186 -11.82 -5.44 -3.67
CA ILE A 186 -10.37 -5.60 -3.62
CA ILE A 186 -10.38 -5.58 -3.61
C ILE A 186 -9.96 -6.47 -4.79
N ALA A 187 -8.88 -6.11 -5.48
CA ALA A 187 -8.34 -7.01 -6.49
C ALA A 187 -6.84 -7.00 -6.29
N TYR A 188 -6.24 -8.17 -6.31
CA TYR A 188 -4.80 -8.27 -6.15
C TYR A 188 -4.09 -8.39 -7.50
N ILE A 189 -2.89 -7.82 -7.60
CA ILE A 189 -2.01 -8.02 -8.74
C ILE A 189 -0.60 -8.32 -8.29
N GLY A 190 -0.09 -9.48 -8.71
CA GLY A 190 1.32 -9.81 -8.55
C GLY A 190 1.63 -10.90 -7.52
N LEU A 191 0.59 -11.51 -6.99
CA LEU A 191 0.74 -12.44 -5.88
C LEU A 191 1.64 -13.61 -6.21
N ARG A 192 2.53 -13.94 -5.29
CA ARG A 192 3.36 -15.10 -5.45
C ARG A 192 3.88 -15.67 -4.13
N ALA A 193 3.48 -15.12 -2.99
CA ALA A 193 3.86 -15.69 -1.70
C ALA A 193 2.70 -15.63 -0.74
N VAL A 194 1.65 -16.37 -1.08
CA VAL A 194 0.43 -16.42 -0.32
C VAL A 194 0.46 -17.60 0.65
N ASP A 195 0.24 -17.31 1.94
CA ASP A 195 0.28 -18.32 2.96
C ASP A 195 -0.92 -19.20 2.82
N ASP A 196 -0.80 -20.43 3.31
CA ASP A 196 -1.87 -21.40 3.15
C ASP A 196 -3.18 -20.87 3.73
N GLU A 197 -3.11 -20.25 4.91
CA GLU A 197 -4.31 -19.67 5.52
C GLU A 197 -4.93 -18.54 4.68
N GLU A 198 -4.09 -17.76 3.99
CA GLU A 198 -4.57 -16.68 3.14
C GLU A 198 -5.20 -17.22 1.86
N LYS A 199 -4.65 -18.32 1.33
CA LYS A 199 -5.22 -18.98 0.14
C LYS A 199 -6.68 -19.37 0.37
N LYS A 200 -6.96 -19.91 1.56
CA LYS A 200 -8.30 -20.36 1.91
C LYS A 200 -9.25 -19.18 1.99
N ILE A 201 -8.80 -18.09 2.58
CA ILE A 201 -9.59 -16.87 2.71
C ILE A 201 -9.94 -16.29 1.34
N LEU A 202 -8.93 -16.12 0.48
CA LEU A 202 -9.15 -15.56 -0.86
CA LEU A 202 -9.15 -15.56 -0.86
C LEU A 202 -10.17 -16.41 -1.62
N HIS A 203 -10.04 -17.72 -1.49
CA HIS A 203 -10.94 -18.63 -2.15
C HIS A 203 -12.35 -18.57 -1.58
N ASP A 204 -12.47 -18.64 -0.26
CA ASP A 204 -13.77 -18.59 0.41
C ASP A 204 -14.52 -17.28 0.19
N LEU A 205 -13.78 -16.18 0.15
CA LEU A 205 -14.40 -14.85 0.00
C LEU A 205 -14.47 -14.46 -1.46
N ASN A 206 -13.95 -15.32 -2.31
CA ASN A 206 -13.93 -15.08 -3.75
C ASN A 206 -13.35 -13.72 -4.11
N ILE A 207 -12.18 -13.42 -3.56
CA ILE A 207 -11.49 -12.16 -3.86
C ILE A 207 -10.72 -12.27 -5.17
N ALA A 208 -10.97 -11.33 -6.08
CA ALA A 208 -10.26 -11.27 -7.34
C ALA A 208 -8.76 -11.21 -7.08
N ALA A 209 -8.03 -12.26 -7.45
CA ALA A 209 -6.60 -12.35 -7.16
C ALA A 209 -5.89 -12.73 -8.43
N PHE A 210 -5.05 -11.85 -8.93
CA PHE A 210 -4.28 -12.13 -10.12
C PHE A 210 -2.84 -12.36 -9.73
N SER A 211 -2.43 -13.61 -9.74
CA SER A 211 -1.09 -14.01 -9.32
C SER A 211 -0.10 -13.86 -10.47
N MET A 212 1.18 -14.12 -10.20
CA MET A 212 2.17 -14.07 -11.26
C MET A 212 1.86 -15.12 -12.31
N HIS A 213 1.11 -16.15 -11.94
CA HIS A 213 0.66 -17.11 -12.93
C HIS A 213 -0.24 -16.44 -13.99
N HIS A 214 -1.16 -15.60 -13.54
CA HIS A 214 -2.06 -14.88 -14.46
C HIS A 214 -1.32 -13.86 -15.32
N VAL A 215 -0.33 -13.19 -14.74
CA VAL A 215 0.49 -12.27 -15.52
C VAL A 215 1.26 -13.05 -16.61
N ASP A 216 1.88 -14.17 -16.23
CA ASP A 216 2.61 -15.01 -17.17
C ASP A 216 1.67 -15.56 -18.22
N ARG A 217 0.45 -15.87 -17.82
CA ARG A 217 -0.48 -16.53 -18.71
C ARG A 217 -1.17 -15.55 -19.66
N TYR A 218 -1.58 -14.39 -19.17
CA TYR A 218 -2.37 -13.45 -19.98
C TYR A 218 -1.61 -12.18 -20.37
N GLY A 219 -0.47 -11.92 -19.74
CA GLY A 219 0.23 -10.68 -19.93
C GLY A 219 -0.29 -9.60 -18.99
N ILE A 220 0.55 -8.62 -18.69
CA ILE A 220 0.21 -7.60 -17.71
C ILE A 220 -0.99 -6.73 -18.16
N ASP A 221 -1.13 -6.46 -19.45
CA ASP A 221 -2.21 -5.59 -19.89
C ASP A 221 -3.58 -6.20 -19.61
N LYS A 222 -3.74 -7.46 -19.95
CA LYS A 222 -5.01 -8.14 -19.69
C LYS A 222 -5.29 -8.21 -18.18
N VAL A 223 -4.26 -8.52 -17.39
CA VAL A 223 -4.40 -8.62 -15.94
C VAL A 223 -4.85 -7.28 -15.37
N VAL A 224 -4.20 -6.19 -15.77
CA VAL A 224 -4.62 -4.87 -15.28
C VAL A 224 -6.07 -4.56 -15.66
N SER A 225 -6.45 -4.87 -16.89
CA SER A 225 -7.82 -4.67 -17.32
C SER A 225 -8.78 -5.45 -16.42
N MET A 226 -8.46 -6.72 -16.17
CA MET A 226 -9.33 -7.55 -15.36
C MET A 226 -9.42 -7.06 -13.93
N ALA A 227 -8.31 -6.59 -13.37
CA ALA A 227 -8.30 -6.05 -12.02
C ALA A 227 -9.18 -4.80 -11.89
N ILE A 228 -9.05 -3.87 -12.83
CA ILE A 228 -9.88 -2.68 -12.81
C ILE A 228 -11.36 -3.06 -12.90
N GLU A 229 -11.69 -3.99 -13.79
CA GLU A 229 -13.08 -4.34 -13.98
C GLU A 229 -13.63 -5.01 -12.75
N ALA A 230 -12.80 -5.83 -12.11
CA ALA A 230 -13.21 -6.61 -10.94
C ALA A 230 -13.74 -5.71 -9.84
N VAL A 231 -13.14 -4.53 -9.71
CA VAL A 231 -13.50 -3.60 -8.63
C VAL A 231 -14.38 -2.43 -9.12
N SER A 232 -14.61 -2.37 -10.43
CA SER A 232 -15.43 -1.34 -11.04
C SER A 232 -16.62 -1.91 -11.80
N PRO A 233 -17.68 -2.33 -11.10
CA PRO A 233 -18.86 -2.89 -11.79
C PRO A 233 -19.59 -1.88 -12.69
N LYS A 234 -20.10 -0.80 -12.12
CA LYS A 234 -20.73 0.26 -12.92
C LYS A 234 -19.74 0.80 -13.98
N GLY A 235 -18.45 0.55 -13.82
CA GLY A 235 -17.45 1.01 -14.76
C GLY A 235 -17.08 2.47 -14.52
N THR A 236 -17.65 3.04 -13.46
CA THR A 236 -17.58 4.48 -13.15
C THR A 236 -16.87 4.76 -11.84
N GLU A 237 -16.54 3.72 -11.08
CA GLU A 237 -16.17 3.89 -9.68
C GLU A 237 -14.79 4.45 -9.51
N PRO A 238 -14.58 5.22 -8.45
CA PRO A 238 -13.20 5.44 -8.04
CA PRO A 238 -13.20 5.44 -8.04
C PRO A 238 -12.23 4.28 -7.84
N VAL A 239 -10.95 4.51 -8.07
CA VAL A 239 -10.01 3.44 -7.86
C VAL A 239 -8.90 3.93 -6.98
N MET A 240 -8.54 3.08 -6.03
CA MET A 240 -7.40 3.32 -5.17
C MET A 240 -6.38 2.24 -5.45
N VAL A 241 -5.11 2.58 -5.51
CA VAL A 241 -4.06 1.58 -5.63
C VAL A 241 -3.16 1.63 -4.40
N SER A 242 -2.97 0.49 -3.73
CA SER A 242 -2.00 0.39 -2.65
C SER A 242 -0.82 -0.43 -3.19
N TYR A 243 0.34 0.20 -3.38
CA TYR A 243 1.41 -0.40 -4.16
C TYR A 243 2.61 -0.80 -3.28
N ASP A 244 2.76 -2.12 -3.06
CA ASP A 244 3.88 -2.66 -2.33
C ASP A 244 5.01 -2.89 -3.34
N VAL A 245 6.17 -2.27 -3.11
CA VAL A 245 7.31 -2.38 -4.05
C VAL A 245 7.91 -3.78 -4.14
N ASP A 246 7.57 -4.68 -3.22
CA ASP A 246 8.06 -6.06 -3.32
C ASP A 246 7.33 -6.90 -4.36
N THR A 247 6.31 -6.32 -5.01
CA THR A 247 5.68 -6.94 -6.19
C THR A 247 6.69 -7.09 -7.32
N ILE A 248 7.65 -6.17 -7.34
CA ILE A 248 8.62 -6.04 -8.42
C ILE A 248 9.77 -6.97 -8.08
N ASP A 249 10.31 -7.64 -9.08
CA ASP A 249 11.30 -8.67 -8.82
C ASP A 249 12.49 -8.04 -8.13
N PRO A 250 13.09 -8.75 -7.15
CA PRO A 250 14.21 -8.18 -6.41
C PRO A 250 15.30 -7.67 -7.33
N LEU A 251 15.43 -8.26 -8.53
CA LEU A 251 16.33 -7.73 -9.55
C LEU A 251 16.24 -6.21 -9.62
N TYR A 252 15.03 -5.67 -9.47
CA TYR A 252 14.79 -4.24 -9.68
C TYR A 252 14.55 -3.47 -8.37
N VAL A 253 13.89 -4.13 -7.43
CA VAL A 253 13.66 -3.56 -6.11
C VAL A 253 14.29 -4.51 -5.11
N PRO A 254 15.59 -4.33 -4.86
CA PRO A 254 16.36 -5.07 -3.86
C PRO A 254 16.13 -4.63 -2.41
N ALA A 255 16.10 -3.31 -2.18
CA ALA A 255 16.00 -2.73 -0.83
C ALA A 255 14.57 -2.78 -0.31
N THR A 256 14.15 -3.97 0.10
CA THR A 256 12.81 -4.17 0.62
C THR A 256 12.79 -5.34 1.61
N GLY A 257 11.80 -5.37 2.50
CA GLY A 257 11.85 -6.25 3.66
C GLY A 257 11.57 -7.71 3.38
N THR A 258 10.61 -7.95 2.49
CA THR A 258 10.12 -9.30 2.19
C THR A 258 10.16 -9.57 0.68
N PRO A 259 11.38 -9.64 0.10
CA PRO A 259 11.50 -9.87 -1.35
C PRO A 259 11.23 -11.33 -1.76
N VAL A 260 10.51 -11.51 -2.86
CA VAL A 260 10.20 -12.84 -3.39
C VAL A 260 10.53 -12.95 -4.91
N ARG A 261 11.29 -14.00 -5.26
CA ARG A 261 11.74 -14.28 -6.63
C ARG A 261 10.58 -14.45 -7.64
N GLY A 262 10.80 -14.05 -8.90
CA GLY A 262 9.81 -14.18 -9.95
C GLY A 262 8.73 -13.11 -9.93
N GLY A 263 9.09 -11.87 -9.64
CA GLY A 263 8.14 -10.77 -9.64
C GLY A 263 7.97 -10.04 -10.96
N LEU A 264 7.27 -8.91 -10.92
CA LEU A 264 7.08 -8.07 -12.09
C LEU A 264 8.42 -7.50 -12.48
N SER A 265 8.62 -7.31 -13.79
CA SER A 265 9.80 -6.61 -14.24
C SER A 265 9.59 -5.15 -13.94
N PHE A 266 10.66 -4.38 -14.03
CA PHE A 266 10.56 -2.93 -13.93
C PHE A 266 9.57 -2.39 -14.97
N ARG A 267 9.64 -2.90 -16.19
CA ARG A 267 8.72 -2.49 -17.24
C ARG A 267 7.26 -2.77 -16.93
N GLU A 268 6.94 -3.97 -16.45
CA GLU A 268 5.57 -4.33 -16.07
C GLU A 268 5.11 -3.49 -14.89
N ALA A 269 5.99 -3.29 -13.93
CA ALA A 269 5.68 -2.51 -12.75
C ALA A 269 5.22 -1.09 -13.13
N LEU A 270 5.87 -0.48 -14.11
CA LEU A 270 5.52 0.87 -14.56
C LEU A 270 4.43 0.88 -15.60
N PHE A 271 4.36 -0.16 -16.41
CA PHE A 271 3.27 -0.26 -17.35
C PHE A 271 1.92 -0.25 -16.59
N LEU A 272 1.84 -1.03 -15.52
CA LEU A 272 0.66 -1.11 -14.68
C LEU A 272 0.20 0.29 -14.27
N CYS A 273 1.15 1.12 -13.82
CA CYS A 273 0.88 2.50 -13.43
C CYS A 273 0.29 3.32 -14.59
N GLU A 274 0.85 3.19 -15.79
CA GLU A 274 0.38 3.93 -16.97
C GLU A 274 -1.04 3.54 -17.34
N ARG A 275 -1.36 2.24 -17.21
CA ARG A 275 -2.69 1.76 -17.55
C ARG A 275 -3.70 2.32 -16.58
N ILE A 276 -3.31 2.40 -15.31
CA ILE A 276 -4.19 2.95 -14.29
CA ILE A 276 -4.22 2.93 -14.32
C ILE A 276 -4.36 4.46 -14.46
N ALA A 277 -3.26 5.16 -14.73
CA ALA A 277 -3.31 6.62 -14.96
C ALA A 277 -4.24 6.89 -16.14
N GLU A 278 -4.06 6.09 -17.18
CA GLU A 278 -4.86 6.16 -18.38
C GLU A 278 -6.38 6.00 -18.14
N CYS A 279 -6.80 5.25 -17.13
CA CYS A 279 -8.23 5.04 -16.94
C CYS A 279 -8.88 6.29 -16.32
N GLY A 280 -8.09 7.12 -15.66
CA GLY A 280 -8.57 8.42 -15.20
C GLY A 280 -9.43 8.43 -13.94
N ARG A 281 -9.54 7.30 -13.26
CA ARG A 281 -10.40 7.21 -12.09
C ARG A 281 -9.61 6.96 -10.82
N LEU A 282 -8.27 7.01 -10.90
CA LEU A 282 -7.42 6.89 -9.71
C LEU A 282 -7.74 8.03 -8.74
N VAL A 283 -7.95 7.69 -7.47
CA VAL A 283 -8.40 8.66 -6.48
CA VAL A 283 -8.36 8.70 -6.52
C VAL A 283 -7.45 8.72 -5.27
N ALA A 284 -6.59 7.73 -5.14
CA ALA A 284 -5.59 7.69 -4.08
C ALA A 284 -4.51 6.67 -4.43
N LEU A 285 -3.31 6.86 -3.91
CA LEU A 285 -2.21 5.95 -4.17
C LEU A 285 -1.35 5.83 -2.91
N ASP A 286 -1.00 4.60 -2.50
CA ASP A 286 0.03 4.36 -1.47
C ASP A 286 1.23 3.75 -2.16
N VAL A 287 2.41 4.16 -1.76
CA VAL A 287 3.65 3.52 -2.18
C VAL A 287 4.38 3.10 -0.92
N VAL A 288 4.48 1.80 -0.69
CA VAL A 288 4.94 1.33 0.61
C VAL A 288 6.10 0.34 0.51
N GLU A 289 6.77 0.14 1.64
CA GLU A 289 7.79 -0.88 1.84
C GLU A 289 9.17 -0.58 1.23
N CYS A 290 9.42 0.66 0.85
CA CYS A 290 10.79 1.02 0.50
C CYS A 290 11.64 1.03 1.77
N ASN A 291 12.66 0.17 1.84
CA ASN A 291 13.57 0.14 2.98
C ASN A 291 15.02 0.40 2.57
N PRO A 292 15.44 1.68 2.54
CA PRO A 292 16.79 2.04 2.05
C PRO A 292 17.97 1.43 2.81
N LEU A 293 17.78 1.08 4.08
CA LEU A 293 18.84 0.48 4.86
C LEU A 293 19.05 -0.96 4.44
N LEU A 294 17.99 -1.59 3.97
CA LEU A 294 18.02 -3.00 3.59
C LEU A 294 18.65 -3.22 2.21
N ALA A 295 19.59 -2.35 1.83
CA ALA A 295 20.30 -2.47 0.58
C ALA A 295 21.72 -2.95 0.86
N ALA A 296 22.21 -3.90 0.07
CA ALA A 296 23.60 -4.33 0.18
C ALA A 296 24.54 -3.24 -0.35
N THR A 297 24.19 -2.64 -1.49
CA THR A 297 24.96 -1.57 -2.12
C THR A 297 24.16 -0.27 -2.25
N GLU A 298 24.87 0.83 -2.48
CA GLU A 298 24.28 2.15 -2.69
C GLU A 298 23.50 2.23 -4.00
N SER A 299 23.86 1.39 -4.96
CA SER A 299 23.17 1.35 -6.24
C SER A 299 21.78 0.75 -6.08
N HIS A 300 21.59 0.00 -5.00
CA HIS A 300 20.32 -0.68 -4.72
C HIS A 300 19.31 0.22 -4.01
N VAL A 301 19.81 1.18 -3.23
CA VAL A 301 18.92 2.14 -2.59
C VAL A 301 18.33 3.05 -3.66
N ASN A 302 19.14 3.45 -4.63
CA ASN A 302 18.69 4.31 -5.70
C ASN A 302 18.07 3.52 -6.82
N ASP A 303 18.10 2.20 -6.71
CA ASP A 303 17.26 1.38 -7.57
C ASP A 303 15.88 1.36 -6.94
N THR A 304 15.83 1.35 -5.63
CA THR A 304 14.55 1.21 -4.94
C THR A 304 13.81 2.54 -4.83
N ILE A 305 14.50 3.55 -4.34
CA ILE A 305 13.87 4.84 -4.12
C ILE A 305 13.48 5.42 -5.46
N SER A 306 14.30 5.25 -6.48
CA SER A 306 13.96 5.82 -7.77
C SER A 306 12.77 5.06 -8.38
N VAL A 307 12.57 3.80 -7.99
CA VAL A 307 11.42 3.03 -8.47
C VAL A 307 10.16 3.56 -7.81
N GLY A 308 10.25 3.88 -6.52
CA GLY A 308 9.12 4.47 -5.81
C GLY A 308 8.67 5.74 -6.49
N CYS A 309 9.63 6.61 -6.82
CA CYS A 309 9.31 7.87 -7.48
C CYS A 309 8.75 7.66 -8.88
N ALA A 310 9.27 6.67 -9.60
CA ALA A 310 8.78 6.35 -10.94
C ALA A 310 7.33 5.85 -10.91
N ILE A 311 6.99 5.03 -9.93
CA ILE A 311 5.63 4.57 -9.77
C ILE A 311 4.71 5.77 -9.61
N ALA A 312 5.14 6.73 -8.79
CA ALA A 312 4.35 7.92 -8.51
C ALA A 312 4.17 8.70 -9.79
N ARG A 313 5.26 8.94 -10.51
CA ARG A 313 5.15 9.75 -11.72
C ARG A 313 4.21 9.10 -12.72
N CYS A 314 4.32 7.79 -12.90
CA CYS A 314 3.53 7.09 -13.91
C CYS A 314 2.07 7.02 -13.49
N MET A 315 1.85 6.79 -12.21
CA MET A 315 0.51 6.75 -11.67
C MET A 315 -0.17 8.06 -11.88
N MET A 316 0.63 9.11 -11.70
CA MET A 316 0.12 10.47 -11.70
C MET A 316 0.20 11.13 -13.08
N GLY A 317 0.45 10.35 -14.13
CA GLY A 317 0.19 10.79 -15.49
C GLY A 317 1.38 10.91 -16.43
N GLU A 318 2.58 10.66 -15.93
CA GLU A 318 3.78 10.76 -16.78
C GLU A 318 3.72 9.70 -17.87
N THR A 319 3.98 10.11 -19.11
CA THR A 319 3.94 9.19 -20.25
C THR A 319 5.24 9.25 -21.09
N LEU A 320 5.49 8.21 -21.87
CA LEU A 320 6.71 8.11 -22.65
C LEU A 320 6.66 9.00 -23.87
N LEU A 321 5.44 9.21 -24.39
CA LEU A 321 5.20 10.06 -25.56
C LEU A 321 4.30 11.25 -25.21
N TYR A 322 4.03 12.09 -26.19
CA TYR A 322 3.24 13.29 -25.95
C TYR A 322 1.87 12.97 -25.37
N THR A 323 1.54 13.64 -24.27
CA THR A 323 0.21 13.50 -23.67
C THR A 323 -0.56 14.79 -23.65
N PRO A 324 -0.08 15.77 -22.87
CA PRO A 324 -0.79 17.01 -22.46
C PRO A 324 -2.17 17.23 -23.07
MN MN B . 2.25 -5.60 1.35
MN MN C . 4.46 -7.64 0.06
O20 X7A D . 2.21 -12.95 7.32
C18 X7A D . 3.43 -12.76 7.01
O21 X7A D . 4.22 -12.23 7.86
C1 X7A D . 3.97 -13.16 5.60
N2 X7A D . 2.93 -13.72 4.84
C3 X7A D . 4.54 -12.00 4.81
C4 X7A D . 3.81 -10.64 5.00
C5 X7A D . 4.26 -9.57 3.94
C6 X7A D . 3.69 -8.13 4.25
B7 X7A D . 3.99 -7.07 2.99
O8 X7A D . 3.43 -5.52 3.26
O9 X7A D . 3.19 -7.49 1.63
O19 X7A D . 5.60 -6.93 2.68
C10 X7A D . 5.12 -14.17 5.83
C11 X7A D . 4.63 -15.53 6.46
N12 X7A D . 5.60 -16.30 6.72
C13 X7A D . 5.95 -17.08 5.58
C14 X7A D . 7.12 -18.00 5.91
C15 X7A D . 6.87 -18.83 7.02
C16 X7A D . 6.47 -18.08 8.17
C17 X7A D . 5.33 -17.13 7.85
H2 X7A D . 2.36 -14.18 5.40
H3 X7A D . 2.46 -13.04 4.42
H5 X7A D . 4.50 -12.22 3.86
H6 X7A D . 5.47 -11.87 5.06
H7 X7A D . 4.00 -10.31 5.88
H8 X7A D . 2.85 -10.78 4.92
H9 X7A D . 5.25 -9.52 3.95
H10 X7A D . 3.96 -9.86 3.05
H11 X7A D . 2.71 -8.18 4.40
H12 X7A D . 4.13 -7.79 5.06
H13 X7A D . 3.09 -5.46 4.08
H14 X7A D . 3.69 -8.06 1.15
H15 X7A D . 5.96 -6.36 3.25
H16 X7A D . 5.78 -13.77 6.44
H17 X7A D . 5.56 -14.35 4.98
H18 X7A D . 4.02 -15.99 5.80
H19 X7A D . 4.14 -15.36 7.28
H21 X7A D . 6.20 -16.49 4.84
H22 X7A D . 5.15 -17.65 5.30
H23 X7A D . 7.90 -17.46 6.11
H24 X7A D . 7.34 -18.56 5.13
H25 X7A D . 6.16 -19.47 6.78
H26 X7A D . 7.67 -19.35 7.23
H27 X7A D . 6.17 -18.71 8.88
H28 X7A D . 7.25 -17.56 8.51
H29 X7A D . 5.17 -16.56 8.63
H30 X7A D . 4.50 -17.66 7.67
H133 X7A D . 3.29 -14.31 4.21
C1 GOL E . 5.72 1.39 -19.69
O1 GOL E . 5.75 0.15 -20.33
C2 GOL E . 7.02 1.56 -18.95
O2 GOL E . 7.95 0.68 -19.51
C3 GOL E . 7.45 3.03 -18.94
O3 GOL E . 8.78 3.15 -18.50
H11 GOL E . 4.89 1.45 -19.01
H12 GOL E . 5.62 2.19 -20.43
HO1 GOL E . 4.88 -0.01 -20.77
H2 GOL E . 6.84 1.27 -17.91
HO2 GOL E . 8.12 0.93 -20.45
H31 GOL E . 6.79 3.60 -18.29
H32 GOL E . 7.36 3.43 -19.95
HO3 GOL E . 8.79 3.47 -17.57
S SO4 F . -16.71 1.85 13.73
O1 SO4 F . -15.81 2.44 14.72
O2 SO4 F . -16.27 0.48 13.39
O3 SO4 F . -16.68 2.70 12.52
O4 SO4 F . -18.07 1.79 14.25
C1 EDO G . 9.23 6.62 -16.97
O1 EDO G . 8.52 7.72 -17.59
C2 EDO G . 10.00 7.12 -15.76
O2 EDO G . 10.59 6.02 -15.07
C1 EDO H . 0.55 5.63 -23.24
O1 EDO H . -0.76 5.49 -23.82
C2 EDO H . 0.41 5.82 -21.74
O2 EDO H . -0.91 6.33 -21.54
C1 EDO I . 1.42 -9.70 -23.14
O1 EDO I . 0.26 -9.95 -23.94
C2 EDO I . 2.33 -8.81 -23.95
O2 EDO I . 2.96 -9.66 -24.91
O2 PGE J . -12.71 -16.05 -8.34
C3 PGE J . -11.89 -15.15 -7.62
C4 PGE J . -10.62 -15.89 -7.26
O4 PGE J . -8.08 -18.16 -4.83
C6 PGE J . -8.43 -16.89 -5.34
C5 PGE J . -9.93 -16.74 -5.19
O3 PGE J . -10.33 -15.62 -5.91
C1 PGE K . -9.99 -19.45 6.87
O1 PGE K . -8.59 -19.22 6.75
C2 PGE K . -10.67 -19.10 5.56
O2 PGE K . -12.04 -18.80 5.79
C3 PGE K . -12.46 -17.49 5.39
C4 PGE K . -13.67 -17.03 6.21
O4 PGE K . -10.05 -17.06 8.78
C6 PGE K . -11.46 -16.81 8.76
C5 PGE K . -11.86 -16.08 7.48
O3 PGE K . -13.26 -16.14 7.26
#